data_8D2M
#
_entry.id   8D2M
#
_cell.length_a   60.940
_cell.length_b   41.473
_cell.length_c   82.580
_cell.angle_alpha   90.000
_cell.angle_beta   95.650
_cell.angle_gamma   90.000
#
_symmetry.space_group_name_H-M   'P 1 21 1'
#
loop_
_entity.id
_entity.type
_entity.pdbx_description
1 polymer 'Abasic site processing protein YedK'
2 polymer "DNA (5'-D(*GP*TP*CP*(PED)P*GP*GP*A)-3')"
3 water water
#
loop_
_entity_poly.entity_id
_entity_poly.type
_entity_poly.pdbx_seq_one_letter_code
_entity_poly.pdbx_strand_id
1 'polypeptide(L)'
;AGRFAQSQTREDYLALLAEDIERDIPYDPEPIGRYNVAPGTKVLLLSERDEHLHLDPVFWGYAPGWWDKPPLINARVETA
ATSRMFKPLWQHGRAICFADGWFEWKKEGDKKQPFFIYRADGQPIFMAAIGSTPFERGDEAEGFLIVTAAADQGLVDIHD
RRPLVLSPEAAREWMRQEISGKEASEIAASGCVPANQFSWHPVSRAVGNVKNQGAELIQPVLEVLFQ
;
A,B
2 'polydeoxyribonucleotide' (DG)(DT)(DC)(PED)(DG)(DG)(DA) C,D
#
loop_
_chem_comp.id
_chem_comp.type
_chem_comp.name
_chem_comp.formula
DA DNA linking 2'-DEOXYADENOSINE-5'-MONOPHOSPHATE 'C10 H14 N5 O6 P'
DC DNA linking 2'-DEOXYCYTIDINE-5'-MONOPHOSPHATE 'C9 H14 N3 O7 P'
DG DNA linking 2'-DEOXYGUANOSINE-5'-MONOPHOSPHATE 'C10 H14 N5 O7 P'
DT DNA linking THYMIDINE-5'-MONOPHOSPHATE 'C10 H15 N2 O8 P'
PED non-polymer PENTANE-3,4-DIOL-5-PHOSPHATE 'C5 H13 O6 P'
#
# COMPACT_ATOMS: atom_id res chain seq x y z
N ALA A 1 5.06 -21.07 4.27
CA ALA A 1 5.42 -19.83 3.60
C ALA A 1 5.18 -18.60 4.46
N GLY A 2 6.28 -17.93 4.80
CA GLY A 2 6.26 -16.80 5.70
C GLY A 2 7.08 -15.65 5.18
N ARG A 3 7.39 -15.67 3.89
CA ARG A 3 8.07 -14.57 3.24
C ARG A 3 8.00 -14.77 1.73
N PHE A 4 7.78 -13.68 1.01
CA PHE A 4 7.77 -13.79 -0.44
C PHE A 4 8.07 -12.42 -1.04
N ALA A 5 8.14 -12.38 -2.38
CA ALA A 5 8.46 -11.18 -3.14
C ALA A 5 7.26 -10.81 -3.99
N GLN A 6 6.91 -9.51 -3.99
CA GLN A 6 5.79 -9.00 -4.78
C GLN A 6 6.30 -7.67 -5.30
N SER A 7 7.07 -7.73 -6.38
CA SER A 7 7.87 -6.61 -6.80
C SER A 7 7.38 -5.89 -8.05
N GLN A 8 6.49 -6.50 -8.83
CA GLN A 8 6.12 -5.96 -10.12
C GLN A 8 4.88 -5.07 -10.01
N THR A 9 4.43 -4.55 -11.15
CA THR A 9 3.22 -3.75 -11.12
C THR A 9 2.01 -4.64 -11.00
N ARG A 10 0.91 -4.06 -10.54
CA ARG A 10 -0.28 -4.88 -10.38
C ARG A 10 -0.77 -5.37 -11.73
N GLU A 11 -0.59 -4.55 -12.78
CA GLU A 11 -0.99 -4.96 -14.12
C GLU A 11 -0.20 -6.19 -14.56
N ASP A 12 1.08 -6.27 -14.21
CA ASP A 12 1.90 -7.42 -14.59
C ASP A 12 1.32 -8.75 -14.08
N TYR A 13 0.86 -8.76 -12.83
CA TYR A 13 0.25 -9.96 -12.26
C TYR A 13 -1.14 -10.20 -12.81
N LEU A 14 -1.95 -9.16 -12.93
CA LEU A 14 -3.36 -9.35 -13.25
C LEU A 14 -3.53 -9.83 -14.69
N ALA A 15 -2.61 -9.43 -15.57
CA ALA A 15 -2.69 -9.79 -16.98
C ALA A 15 -2.62 -11.29 -17.20
N LEU A 16 -2.01 -12.03 -16.26
CA LEU A 16 -1.96 -13.48 -16.42
C LEU A 16 -3.27 -14.15 -16.04
N LEU A 17 -4.16 -13.43 -15.36
CA LEU A 17 -5.44 -13.99 -14.96
C LEU A 17 -6.52 -13.86 -16.03
N ALA A 18 -6.56 -12.74 -16.74
CA ALA A 18 -7.56 -12.51 -17.77
C ALA A 18 -7.43 -11.09 -18.29
N GLU A 19 -7.84 -10.87 -19.54
CA GLU A 19 -7.92 -9.52 -20.05
C GLU A 19 -8.79 -8.68 -19.13
N ASP A 20 -10.00 -9.16 -18.83
CA ASP A 20 -10.97 -8.34 -18.11
C ASP A 20 -10.51 -8.03 -16.69
N ILE A 21 -9.86 -8.97 -16.03
CA ILE A 21 -9.51 -8.74 -14.64
C ILE A 21 -8.64 -7.50 -14.53
N GLU A 22 -7.67 -7.36 -15.44
CA GLU A 22 -6.75 -6.22 -15.35
C GLU A 22 -7.49 -4.89 -15.51
N ARG A 23 -8.50 -4.86 -16.36
CA ARG A 23 -9.26 -3.62 -16.54
C ARG A 23 -10.10 -3.29 -15.31
N ASP A 24 -10.52 -4.30 -14.56
CA ASP A 24 -11.47 -4.06 -13.46
C ASP A 24 -10.85 -3.52 -12.18
N ILE A 25 -9.53 -3.49 -12.08
CA ILE A 25 -8.85 -2.93 -10.91
C ILE A 25 -8.35 -1.54 -11.30
N PRO A 26 -8.60 -0.52 -10.49
CA PRO A 26 -8.10 0.83 -10.81
C PRO A 26 -6.61 0.88 -11.14
N TYR A 27 -6.26 1.85 -11.97
CA TYR A 27 -4.93 1.93 -12.55
C TYR A 27 -3.95 2.51 -11.55
N ASP A 28 -2.83 1.82 -11.38
CA ASP A 28 -1.75 2.27 -10.51
C ASP A 28 -0.49 1.65 -11.10
N PRO A 29 0.31 2.43 -11.82
CA PRO A 29 1.42 1.84 -12.57
C PRO A 29 2.68 1.62 -11.78
N GLU A 30 2.68 1.91 -10.49
CA GLU A 30 3.89 1.80 -9.68
C GLU A 30 4.23 0.34 -9.41
N PRO A 31 5.45 -0.09 -9.68
CA PRO A 31 5.84 -1.44 -9.24
C PRO A 31 5.69 -1.55 -7.73
N ILE A 32 5.16 -2.68 -7.30
CA ILE A 32 4.90 -2.80 -5.87
C ILE A 32 6.20 -2.74 -5.10
N GLY A 33 7.27 -3.27 -5.69
CA GLY A 33 8.62 -3.07 -5.22
C GLY A 33 9.03 -3.82 -3.97
N ARG A 34 8.27 -4.82 -3.52
CA ARG A 34 8.54 -5.47 -2.24
C ARG A 34 9.22 -6.82 -2.46
N TYR A 35 10.51 -6.89 -2.13
CA TYR A 35 11.25 -8.13 -2.26
C TYR A 35 11.30 -8.94 -0.96
N ASN A 36 10.76 -8.40 0.12
CA ASN A 36 10.81 -9.05 1.43
C ASN A 36 9.46 -8.83 2.13
N VAL A 37 8.41 -9.47 1.63
CA VAL A 37 7.05 -9.30 2.18
C VAL A 37 6.93 -10.19 3.41
N ALA A 38 6.62 -9.57 4.54
CA ALA A 38 6.62 -10.25 5.81
C ALA A 38 5.26 -10.25 6.48
N PRO A 39 4.95 -11.29 7.26
CA PRO A 39 3.69 -11.31 8.00
C PRO A 39 3.61 -10.10 8.93
N GLY A 40 2.39 -9.73 9.25
CA GLY A 40 2.18 -8.59 10.10
C GLY A 40 2.27 -7.26 9.40
N THR A 41 2.46 -7.25 8.10
CA THR A 41 2.33 -6.06 7.31
C THR A 41 1.05 -6.17 6.49
N LYS A 42 0.64 -5.07 5.88
CA LYS A 42 -0.48 -5.12 4.94
C LYS A 42 0.06 -5.52 3.58
N VAL A 43 -0.69 -6.38 2.91
CA VAL A 43 -0.27 -6.94 1.64
C VAL A 43 -1.45 -6.84 0.69
N LEU A 44 -1.16 -6.41 -0.54
CA LEU A 44 -2.17 -6.32 -1.56
C LEU A 44 -2.70 -7.72 -1.86
N LEU A 45 -4.03 -7.87 -1.71
CA LEU A 45 -4.75 -9.13 -1.76
C LEU A 45 -5.90 -8.99 -2.75
N LEU A 46 -6.03 -9.95 -3.66
CA LEU A 46 -7.04 -9.92 -4.69
C LEU A 46 -8.24 -10.72 -4.25
N SER A 47 -9.43 -10.18 -4.39
CA SER A 47 -10.62 -10.93 -3.98
C SER A 47 -11.80 -10.43 -4.80
N GLU A 48 -12.95 -11.06 -4.58
CA GLU A 48 -14.21 -10.68 -5.20
C GLU A 48 -15.24 -10.42 -4.11
N ARG A 49 -15.99 -9.31 -4.23
CA ARG A 49 -17.15 -9.05 -3.39
C ARG A 49 -18.20 -8.35 -4.25
N ASP A 50 -19.47 -8.69 -4.02
CA ASP A 50 -20.56 -8.05 -4.76
C ASP A 50 -20.34 -8.14 -6.27
N GLU A 51 -19.84 -9.29 -6.73
CA GLU A 51 -19.64 -9.58 -8.15
C GLU A 51 -18.61 -8.66 -8.79
N HIS A 52 -17.69 -8.11 -7.98
CA HIS A 52 -16.62 -7.26 -8.48
C HIS A 52 -15.31 -7.65 -7.83
N LEU A 53 -14.23 -7.67 -8.63
CA LEU A 53 -12.88 -7.87 -8.12
C LEU A 53 -12.33 -6.62 -7.44
N HIS A 54 -11.52 -6.84 -6.41
CA HIS A 54 -10.90 -5.78 -5.66
C HIS A 54 -9.51 -6.20 -5.27
N LEU A 55 -8.61 -5.23 -5.20
CA LEU A 55 -7.22 -5.44 -4.78
C LEU A 55 -6.98 -4.49 -3.62
N ASP A 56 -7.05 -5.02 -2.39
CA ASP A 56 -6.98 -4.18 -1.19
C ASP A 56 -5.71 -4.52 -0.41
N PRO A 57 -5.11 -3.54 0.30
CA PRO A 57 -4.07 -3.89 1.28
C PRO A 57 -4.69 -4.53 2.51
N VAL A 58 -4.25 -5.73 2.85
CA VAL A 58 -4.86 -6.51 3.92
C VAL A 58 -3.77 -7.06 4.82
N PHE A 59 -4.01 -7.06 6.12
CA PHE A 59 -3.04 -7.53 7.07
C PHE A 59 -2.80 -9.02 6.88
N TRP A 60 -1.54 -9.43 6.77
CA TRP A 60 -1.16 -10.83 6.74
C TRP A 60 -1.06 -11.35 8.17
N GLY A 61 -2.07 -12.07 8.58
CA GLY A 61 -2.11 -12.58 9.94
C GLY A 61 -3.57 -12.64 10.31
N TYR A 62 -3.91 -13.60 11.17
CA TYR A 62 -5.31 -13.78 11.56
C TYR A 62 -5.36 -14.07 13.04
N ALA A 63 -6.02 -13.17 13.78
CA ALA A 63 -6.10 -13.29 15.24
C ALA A 63 -7.43 -12.70 15.68
N PRO A 64 -8.51 -13.50 15.62
CA PRO A 64 -9.79 -13.04 16.17
C PRO A 64 -9.68 -12.59 17.61
N GLY A 65 -10.70 -11.88 18.09
CA GLY A 65 -10.70 -11.43 19.49
C GLY A 65 -10.44 -12.54 20.48
N TRP A 66 -11.11 -13.68 20.32
CA TRP A 66 -11.01 -14.80 21.25
C TRP A 66 -9.70 -15.56 21.16
N TRP A 67 -8.81 -15.19 20.26
CA TRP A 67 -7.55 -15.90 20.02
C TRP A 67 -6.46 -15.22 20.84
N ASP A 68 -5.93 -15.93 21.84
CA ASP A 68 -5.00 -15.32 22.79
C ASP A 68 -3.55 -15.37 22.35
N LYS A 69 -3.22 -16.15 21.31
CA LYS A 69 -1.86 -16.38 20.88
C LYS A 69 -1.50 -15.41 19.74
N PRO A 70 -0.28 -15.45 19.22
CA PRO A 70 0.06 -14.54 18.09
C PRO A 70 -0.69 -14.93 16.82
N PRO A 71 -0.79 -14.01 15.87
CA PRO A 71 -1.59 -14.28 14.68
C PRO A 71 -1.09 -15.48 13.89
N LEU A 72 -2.04 -16.29 13.43
CA LEU A 72 -1.72 -17.32 12.46
C LEU A 72 -1.43 -16.66 11.11
N ILE A 73 -0.53 -17.26 10.34
CA ILE A 73 -0.19 -16.75 9.02
C ILE A 73 -0.44 -17.75 7.91
N ASN A 74 -0.59 -19.02 8.27
CA ASN A 74 -0.87 -20.11 7.35
C ASN A 74 -2.06 -20.92 7.85
N ALA A 75 -2.74 -21.57 6.91
CA ALA A 75 -3.80 -22.55 7.19
C ALA A 75 -3.58 -23.79 6.32
N ARG A 76 -3.63 -24.97 6.95
CA ARG A 76 -3.35 -26.22 6.25
C ARG A 76 -4.50 -26.63 5.34
N VAL A 77 -4.20 -26.88 4.06
CA VAL A 77 -5.26 -27.28 3.13
C VAL A 77 -5.91 -28.58 3.57
N GLU A 78 -5.13 -29.43 4.24
CA GLU A 78 -5.65 -30.71 4.75
C GLU A 78 -6.94 -30.53 5.54
N THR A 79 -7.04 -29.49 6.36
CA THR A 79 -8.12 -29.40 7.34
C THR A 79 -8.86 -28.06 7.38
N ALA A 80 -8.41 -27.06 6.62
CA ALA A 80 -9.02 -25.73 6.76
C ALA A 80 -10.49 -25.70 6.37
N ALA A 81 -10.90 -26.53 5.40
CA ALA A 81 -12.29 -26.52 4.96
C ALA A 81 -13.25 -26.97 6.06
N THR A 82 -12.78 -27.75 7.03
CA THR A 82 -13.65 -28.26 8.09
C THR A 82 -13.25 -27.78 9.47
N SER A 83 -12.19 -27.00 9.58
CA SER A 83 -11.74 -26.47 10.85
C SER A 83 -12.79 -25.55 11.47
N ARG A 84 -13.03 -25.71 12.77
CA ARG A 84 -13.94 -24.79 13.45
C ARG A 84 -13.52 -23.34 13.20
N MET A 85 -12.20 -23.07 13.18
CA MET A 85 -11.68 -21.72 13.04
C MET A 85 -11.74 -21.22 11.59
N PHE A 86 -11.37 -22.08 10.63
CA PHE A 86 -11.18 -21.60 9.26
C PHE A 86 -12.38 -21.84 8.35
N LYS A 87 -13.32 -22.70 8.74
CA LYS A 87 -14.50 -22.97 7.93
C LYS A 87 -15.14 -21.70 7.38
N PRO A 88 -15.42 -20.66 8.17
CA PRO A 88 -16.08 -19.47 7.60
C PRO A 88 -15.21 -18.74 6.61
N LEU A 89 -13.88 -18.76 6.82
CA LEU A 89 -12.96 -18.14 5.88
C LEU A 89 -12.91 -18.91 4.58
N TRP A 90 -12.91 -20.25 4.67
CA TRP A 90 -12.91 -21.08 3.46
C TRP A 90 -14.15 -20.85 2.62
N GLN A 91 -15.30 -20.67 3.28
CA GLN A 91 -16.57 -20.47 2.61
C GLN A 91 -16.72 -19.08 2.03
N HIS A 92 -16.35 -18.03 2.78
CA HIS A 92 -16.69 -16.68 2.38
C HIS A 92 -15.51 -15.72 2.32
N GLY A 93 -14.29 -16.16 2.65
CA GLY A 93 -13.16 -15.23 2.61
C GLY A 93 -12.00 -15.68 1.75
N ARG A 94 -12.30 -16.36 0.65
CA ARG A 94 -11.24 -16.79 -0.25
C ARG A 94 -10.68 -15.60 -1.02
N ALA A 95 -9.38 -15.65 -1.25
CA ALA A 95 -8.65 -14.56 -1.91
C ALA A 95 -7.42 -15.15 -2.57
N ILE A 96 -6.74 -14.30 -3.33
CA ILE A 96 -5.49 -14.64 -4.00
C ILE A 96 -4.44 -13.61 -3.64
N CYS A 97 -3.25 -14.10 -3.37
CA CYS A 97 -2.08 -13.27 -3.13
C CYS A 97 -1.08 -13.59 -4.23
N PHE A 98 -0.83 -12.64 -5.10
CA PHE A 98 0.15 -12.90 -6.13
C PHE A 98 1.56 -12.52 -5.65
N ALA A 99 2.55 -13.06 -6.35
CA ALA A 99 3.94 -12.96 -5.94
C ALA A 99 4.84 -13.38 -7.10
N ASP A 100 6.10 -12.98 -7.02
CA ASP A 100 7.08 -13.43 -8.00
C ASP A 100 7.62 -14.82 -7.66
N GLY A 101 7.50 -15.18 -6.40
CA GLY A 101 8.03 -16.42 -5.86
C GLY A 101 8.08 -16.24 -4.36
N TRP A 102 8.51 -17.30 -3.67
CA TRP A 102 8.57 -17.20 -2.21
C TRP A 102 9.90 -17.73 -1.67
N PHE A 103 10.14 -17.42 -0.40
CA PHE A 103 11.37 -17.85 0.26
C PHE A 103 11.04 -19.02 1.20
N GLU A 104 11.95 -19.99 1.24
CA GLU A 104 11.92 -21.08 2.20
C GLU A 104 13.31 -21.21 2.78
N TRP A 105 13.38 -21.60 4.05
CA TRP A 105 14.63 -21.72 4.78
C TRP A 105 14.89 -23.19 5.05
N LYS A 106 16.03 -23.68 4.59
CA LYS A 106 16.43 -25.06 4.86
C LYS A 106 17.35 -25.04 6.08
N LYS A 107 17.10 -25.95 7.03
CA LYS A 107 17.85 -25.95 8.29
C LYS A 107 18.97 -26.98 8.14
N GLU A 108 20.08 -26.55 7.54
CA GLU A 108 21.31 -27.34 7.39
C GLU A 108 22.08 -27.27 8.70
N GLY A 109 21.67 -28.10 9.66
CA GLY A 109 22.30 -28.08 10.97
C GLY A 109 21.65 -27.06 11.88
N ASP A 110 22.46 -26.40 12.71
CA ASP A 110 21.89 -25.38 13.60
C ASP A 110 21.66 -24.04 12.91
N LYS A 111 21.96 -23.92 11.62
CA LYS A 111 21.70 -22.67 10.92
C LYS A 111 20.67 -22.92 9.81
N LYS A 112 20.22 -21.84 9.22
CA LYS A 112 19.19 -21.85 8.19
C LYS A 112 19.80 -21.25 6.93
N GLN A 113 19.42 -21.79 5.78
CA GLN A 113 19.84 -21.24 4.50
C GLN A 113 18.60 -20.90 3.68
N PRO A 114 18.40 -19.67 3.25
CA PRO A 114 17.23 -19.35 2.44
C PRO A 114 17.40 -19.71 0.96
N PHE A 115 16.30 -20.14 0.37
CA PHE A 115 16.14 -20.36 -1.05
C PHE A 115 14.99 -19.48 -1.54
N PHE A 116 15.13 -18.98 -2.77
CA PHE A 116 14.02 -18.35 -3.47
C PHE A 116 13.45 -19.36 -4.46
N ILE A 117 12.11 -19.51 -4.44
CA ILE A 117 11.41 -20.49 -5.24
C ILE A 117 10.50 -19.76 -6.21
N TYR A 118 10.57 -20.13 -7.48
CA TYR A 118 9.83 -19.41 -8.52
C TYR A 118 9.46 -20.40 -9.63
N ARG A 119 8.55 -19.98 -10.49
CA ARG A 119 8.13 -20.82 -11.62
C ARG A 119 9.25 -20.91 -12.65
N ALA A 120 9.54 -22.14 -13.06
CA ALA A 120 10.53 -22.36 -14.10
C ALA A 120 10.18 -21.63 -15.37
N ASP A 121 8.88 -21.52 -15.69
CA ASP A 121 8.50 -20.87 -16.95
C ASP A 121 8.50 -19.34 -16.86
N GLY A 122 8.86 -18.78 -15.71
CA GLY A 122 9.04 -17.35 -15.58
C GLY A 122 7.78 -16.58 -15.26
N GLN A 123 6.64 -17.25 -15.09
CA GLN A 123 5.38 -16.62 -14.72
C GLN A 123 5.39 -16.33 -13.22
N PRO A 124 4.63 -15.33 -12.78
CA PRO A 124 4.40 -15.15 -11.34
C PRO A 124 3.50 -16.24 -10.80
N ILE A 125 3.39 -16.28 -9.47
CA ILE A 125 2.54 -17.25 -8.82
C ILE A 125 1.30 -16.58 -8.23
N PHE A 126 0.26 -17.40 -8.07
CA PHE A 126 -0.98 -17.01 -7.41
C PHE A 126 -1.16 -17.94 -6.22
N MET A 127 -0.90 -17.44 -5.00
CA MET A 127 -1.09 -18.27 -3.82
C MET A 127 -2.52 -18.19 -3.31
N ALA A 128 -3.06 -19.32 -2.91
CA ALA A 128 -4.39 -19.35 -2.32
C ALA A 128 -4.34 -18.75 -0.92
N ALA A 129 -5.25 -17.84 -0.65
CA ALA A 129 -5.41 -17.23 0.66
C ALA A 129 -6.84 -17.39 1.16
N ILE A 130 -7.02 -17.44 2.48
CA ILE A 130 -8.34 -17.26 3.09
C ILE A 130 -8.22 -16.13 4.12
N GLY A 131 -9.33 -15.46 4.41
CA GLY A 131 -9.26 -14.44 5.44
C GLY A 131 -10.61 -13.97 5.90
N SER A 132 -10.56 -12.92 6.71
CA SER A 132 -11.76 -12.33 7.31
C SER A 132 -12.36 -11.28 6.38
N THR A 133 -13.63 -11.45 6.00
CA THR A 133 -14.29 -10.41 5.23
C THR A 133 -15.24 -9.61 6.12
N PRO A 134 -15.53 -8.33 5.78
CA PRO A 134 -15.05 -7.53 4.65
C PRO A 134 -13.55 -7.17 4.72
N PHE A 135 -12.78 -7.65 3.74
CA PHE A 135 -11.34 -7.41 3.72
C PHE A 135 -11.01 -5.93 3.77
N GLU A 136 -11.81 -5.11 3.10
CA GLU A 136 -11.44 -3.70 2.92
C GLU A 136 -11.50 -2.88 4.21
N ARG A 137 -11.89 -3.46 5.35
CA ARG A 137 -12.07 -2.64 6.56
C ARG A 137 -10.74 -2.36 7.30
N GLY A 138 -9.60 -2.73 6.74
CA GLY A 138 -8.33 -2.38 7.35
C GLY A 138 -8.13 -2.94 8.73
N ASP A 139 -8.80 -4.05 9.06
CA ASP A 139 -8.62 -4.70 10.36
C ASP A 139 -7.16 -5.14 10.50
N GLU A 140 -6.54 -4.79 11.62
CA GLU A 140 -5.12 -5.12 11.80
C GLU A 140 -4.89 -6.33 12.70
N ALA A 141 -5.93 -7.14 12.93
CA ALA A 141 -5.74 -8.43 13.59
C ALA A 141 -6.37 -9.54 12.77
N GLU A 142 -7.44 -9.22 12.05
CA GLU A 142 -8.24 -10.17 11.29
C GLU A 142 -7.97 -9.95 9.80
N GLY A 143 -6.90 -10.56 9.31
CA GLY A 143 -6.48 -10.37 7.93
C GLY A 143 -6.60 -11.67 7.16
N PHE A 144 -5.54 -12.09 6.47
CA PHE A 144 -5.59 -13.29 5.66
C PHE A 144 -4.46 -14.22 6.06
N LEU A 145 -4.61 -15.48 5.65
CA LEU A 145 -3.60 -16.50 5.81
C LEU A 145 -3.28 -17.07 4.43
N ILE A 146 -2.03 -17.53 4.23
CA ILE A 146 -1.65 -18.25 3.02
C ILE A 146 -1.92 -19.73 3.29
N VAL A 147 -2.68 -20.38 2.41
CA VAL A 147 -2.96 -21.79 2.57
C VAL A 147 -1.72 -22.61 2.22
N THR A 148 -1.44 -23.62 3.02
CA THR A 148 -0.25 -24.43 2.82
C THR A 148 -0.63 -25.86 2.43
N ALA A 149 0.34 -26.57 1.88
CA ALA A 149 0.20 -27.96 1.48
C ALA A 149 1.52 -28.67 1.74
N ALA A 150 1.50 -30.00 1.66
CA ALA A 150 2.70 -30.79 1.91
C ALA A 150 3.75 -30.51 0.82
N ALA A 151 5.01 -30.30 1.24
CA ALA A 151 6.08 -30.21 0.26
C ALA A 151 6.14 -31.49 -0.56
N ASP A 152 6.26 -31.33 -1.88
CA ASP A 152 6.33 -32.45 -2.81
C ASP A 152 7.66 -32.44 -3.55
N GLN A 153 8.02 -33.62 -4.05
CA GLN A 153 9.26 -33.82 -4.81
C GLN A 153 10.44 -33.11 -4.19
N GLY A 154 11.14 -32.30 -4.99
CA GLY A 154 12.39 -31.71 -4.55
C GLY A 154 12.23 -30.67 -3.46
N LEU A 155 11.03 -30.09 -3.32
CA LEU A 155 10.83 -29.11 -2.26
C LEU A 155 10.98 -29.76 -0.89
N VAL A 156 10.68 -31.06 -0.79
CA VAL A 156 10.84 -31.78 0.47
C VAL A 156 12.24 -31.58 1.02
N ASP A 157 13.21 -31.36 0.13
CA ASP A 157 14.59 -31.19 0.57
C ASP A 157 14.81 -29.85 1.25
N ILE A 158 13.90 -28.89 1.06
CA ILE A 158 14.03 -27.57 1.67
C ILE A 158 13.18 -27.45 2.93
N HIS A 159 11.94 -27.90 2.88
CA HIS A 159 11.03 -27.68 3.99
C HIS A 159 9.83 -28.58 3.78
N ASP A 160 9.21 -28.99 4.89
CA ASP A 160 8.19 -30.02 4.80
C ASP A 160 6.83 -29.48 4.36
N ARG A 161 6.65 -28.14 4.36
CA ARG A 161 5.41 -27.51 3.92
C ARG A 161 5.71 -26.53 2.78
N ARG A 162 4.66 -26.17 2.03
CA ARG A 162 4.79 -25.23 0.92
C ARG A 162 3.48 -24.48 0.78
N PRO A 163 3.50 -23.30 0.15
CA PRO A 163 2.24 -22.62 -0.13
C PRO A 163 1.45 -23.38 -1.18
N LEU A 164 0.14 -23.30 -1.06
CA LEU A 164 -0.75 -23.76 -2.13
C LEU A 164 -0.72 -22.72 -3.23
N VAL A 165 -0.08 -23.05 -4.34
CA VAL A 165 -0.05 -22.19 -5.53
C VAL A 165 -1.07 -22.71 -6.53
N LEU A 166 -1.91 -21.80 -7.02
CA LEU A 166 -2.91 -22.14 -8.02
C LEU A 166 -2.45 -21.70 -9.41
N SER A 167 -2.81 -22.50 -10.40
CA SER A 167 -2.70 -22.06 -11.77
C SER A 167 -3.61 -20.83 -11.99
N PRO A 168 -3.30 -19.99 -12.98
CA PRO A 168 -4.12 -18.78 -13.17
C PRO A 168 -5.57 -19.08 -13.38
N GLU A 169 -5.87 -20.16 -14.10
CA GLU A 169 -7.26 -20.53 -14.30
C GLU A 169 -7.93 -20.97 -12.99
N ALA A 170 -7.20 -21.67 -12.12
CA ALA A 170 -7.78 -22.07 -10.83
C ALA A 170 -7.92 -20.87 -9.90
N ALA A 171 -6.97 -19.95 -9.97
CA ALA A 171 -7.01 -18.77 -9.13
C ALA A 171 -8.28 -17.99 -9.39
N ARG A 172 -8.68 -17.90 -10.65
CA ARG A 172 -9.91 -17.21 -10.99
C ARG A 172 -11.13 -17.94 -10.43
N GLU A 173 -11.15 -19.27 -10.49
CA GLU A 173 -12.30 -19.99 -9.91
C GLU A 173 -12.33 -19.86 -8.40
N TRP A 174 -11.17 -19.94 -7.77
CA TRP A 174 -11.06 -19.86 -6.33
C TRP A 174 -11.76 -18.64 -5.76
N MET A 175 -11.68 -17.51 -6.47
CA MET A 175 -12.15 -16.24 -5.95
C MET A 175 -13.65 -16.04 -6.10
N ARG A 176 -14.31 -16.86 -6.93
CA ARG A 176 -15.73 -16.67 -7.19
C ARG A 176 -16.54 -16.80 -5.91
N GLN A 177 -17.46 -15.86 -5.66
CA GLN A 177 -18.16 -15.87 -4.37
C GLN A 177 -19.30 -16.87 -4.35
N GLU A 178 -19.81 -17.23 -5.52
CA GLU A 178 -20.98 -18.08 -5.64
C GLU A 178 -20.69 -19.57 -5.45
N ILE A 179 -19.44 -19.98 -5.28
CA ILE A 179 -19.14 -21.41 -5.25
C ILE A 179 -19.17 -21.91 -3.81
N SER A 180 -19.46 -23.21 -3.67
CA SER A 180 -19.47 -23.92 -2.40
C SER A 180 -18.07 -24.01 -1.79
N GLY A 181 -18.04 -24.31 -0.50
CA GLY A 181 -16.79 -24.74 0.11
C GLY A 181 -16.26 -26.01 -0.51
N LYS A 182 -17.16 -26.93 -0.91
CA LYS A 182 -16.71 -28.16 -1.55
C LYS A 182 -16.15 -27.88 -2.94
N GLU A 183 -16.76 -26.96 -3.68
CA GLU A 183 -16.20 -26.58 -4.97
C GLU A 183 -14.82 -25.98 -4.76
N ALA A 184 -14.67 -25.14 -3.74
CA ALA A 184 -13.36 -24.58 -3.43
C ALA A 184 -12.35 -25.68 -3.07
N SER A 185 -12.78 -26.69 -2.34
CA SER A 185 -11.87 -27.79 -2.03
C SER A 185 -11.45 -28.53 -3.30
N GLU A 186 -12.36 -28.69 -4.25
CA GLU A 186 -12.01 -29.33 -5.51
C GLU A 186 -11.11 -28.43 -6.36
N ILE A 187 -11.31 -27.10 -6.31
CA ILE A 187 -10.41 -26.18 -7.02
C ILE A 187 -9.02 -26.28 -6.45
N ALA A 188 -8.92 -26.32 -5.12
CA ALA A 188 -7.64 -26.44 -4.45
C ALA A 188 -6.96 -27.75 -4.83
N ALA A 189 -7.74 -28.81 -4.98
CA ALA A 189 -7.16 -30.10 -5.29
C ALA A 189 -6.75 -30.20 -6.75
N SER A 190 -7.50 -29.54 -7.62
CA SER A 190 -7.29 -29.65 -9.07
C SER A 190 -6.35 -28.61 -9.63
N GLY A 191 -6.19 -27.47 -8.94
CA GLY A 191 -5.47 -26.36 -9.49
C GLY A 191 -4.09 -26.15 -8.89
N CYS A 192 -3.66 -27.04 -8.00
CA CYS A 192 -2.37 -26.87 -7.35
C CYS A 192 -1.25 -27.12 -8.35
N VAL A 193 -0.22 -26.29 -8.25
CA VAL A 193 0.92 -26.35 -9.17
C VAL A 193 1.97 -27.23 -8.51
N PRO A 194 2.36 -28.35 -9.12
CA PRO A 194 3.30 -29.26 -8.47
C PRO A 194 4.74 -28.78 -8.53
N ALA A 195 5.56 -29.39 -7.69
CA ALA A 195 6.92 -28.90 -7.47
C ALA A 195 7.75 -28.89 -8.75
N ASN A 196 7.48 -29.81 -9.67
CA ASN A 196 8.31 -29.90 -10.87
C ASN A 196 8.18 -28.68 -11.77
N GLN A 197 7.18 -27.82 -11.55
CA GLN A 197 7.03 -26.57 -12.29
C GLN A 197 7.84 -25.42 -11.67
N PHE A 198 8.49 -25.64 -10.55
CA PHE A 198 9.30 -24.62 -9.90
C PHE A 198 10.77 -24.95 -10.04
N SER A 199 11.58 -23.89 -10.02
CA SER A 199 13.02 -23.93 -9.80
C SER A 199 13.32 -23.12 -8.55
N TRP A 200 14.54 -23.26 -8.06
CA TRP A 200 14.92 -22.52 -6.86
C TRP A 200 16.43 -22.46 -6.76
N HIS A 201 16.90 -21.50 -5.97
CA HIS A 201 18.32 -21.36 -5.75
C HIS A 201 18.54 -20.74 -4.38
N PRO A 202 19.69 -20.96 -3.78
CA PRO A 202 19.99 -20.29 -2.53
C PRO A 202 20.21 -18.82 -2.77
N VAL A 203 19.83 -18.02 -1.77
CA VAL A 203 19.98 -16.58 -1.81
C VAL A 203 20.72 -16.19 -0.53
N SER A 204 21.07 -14.91 -0.45
CA SER A 204 21.84 -14.43 0.69
C SER A 204 21.03 -14.55 1.96
N ARG A 205 21.73 -14.69 3.09
CA ARG A 205 21.00 -14.79 4.35
C ARG A 205 20.36 -13.46 4.74
N ALA A 206 20.67 -12.39 4.03
CA ALA A 206 20.17 -11.07 4.37
C ALA A 206 18.64 -10.99 4.35
N VAL A 207 17.97 -11.84 3.56
CA VAL A 207 16.51 -11.73 3.48
C VAL A 207 15.88 -11.99 4.84
N GLY A 208 16.50 -12.83 5.67
CA GLY A 208 15.87 -13.20 6.93
C GLY A 208 15.52 -12.00 7.80
N ASN A 209 16.36 -10.97 7.77
CA ASN A 209 16.15 -9.72 8.48
C ASN A 209 15.20 -8.84 7.67
N VAL A 210 13.97 -8.63 8.17
CA VAL A 210 12.97 -7.87 7.42
C VAL A 210 13.40 -6.47 7.09
N LYS A 211 14.41 -5.92 7.79
CA LYS A 211 14.87 -4.60 7.44
C LYS A 211 15.50 -4.58 6.05
N ASN A 212 16.01 -5.70 5.57
CA ASN A 212 16.74 -5.71 4.29
C ASN A 212 15.77 -5.72 3.12
N GLN A 213 16.12 -4.97 2.07
CA GLN A 213 15.24 -4.70 0.93
C GLN A 213 16.01 -4.87 -0.38
N GLY A 214 15.27 -4.95 -1.48
CA GLY A 214 15.87 -4.77 -2.79
C GLY A 214 16.00 -6.07 -3.58
N ALA A 215 16.22 -5.90 -4.89
CA ALA A 215 16.25 -7.02 -5.83
C ALA A 215 17.40 -7.98 -5.56
N GLU A 216 18.44 -7.53 -4.86
CA GLU A 216 19.52 -8.42 -4.47
C GLU A 216 19.04 -9.59 -3.63
N LEU A 217 17.94 -9.42 -2.88
CA LEU A 217 17.51 -10.45 -1.97
C LEU A 217 17.11 -11.72 -2.71
N ILE A 218 16.73 -11.62 -3.98
CA ILE A 218 16.34 -12.81 -4.69
C ILE A 218 17.42 -13.32 -5.64
N GLN A 219 18.58 -12.67 -5.70
CA GLN A 219 19.63 -13.13 -6.61
C GLN A 219 20.29 -14.41 -6.10
N PRO A 220 20.77 -15.26 -7.01
CA PRO A 220 21.42 -16.50 -6.57
C PRO A 220 22.78 -16.24 -5.96
N VAL A 221 23.16 -17.09 -5.03
CA VAL A 221 24.46 -16.97 -4.40
C VAL A 221 25.22 -18.28 -4.56
N LEU A 222 26.55 -18.16 -4.61
CA LEU A 222 27.45 -19.30 -4.74
C LEU A 222 27.48 -20.10 -3.44
N GLU A 223 28.16 -19.56 -2.42
CA GLU A 223 28.40 -20.30 -1.18
C GLU A 223 27.09 -20.65 -0.52
N VAL A 224 27.03 -21.85 0.07
CA VAL A 224 25.89 -22.29 0.87
C VAL A 224 26.39 -22.81 2.21
P PED B 4 1.73 -25.63 8.65
O1P PED B 4 1.50 -25.71 7.08
O2P PED B 4 1.55 -26.97 9.30
O5' PED B 4 3.25 -25.21 8.87
C2' PED B 4 5.33 -22.50 6.29
C5' PED B 4 3.66 -24.01 8.24
C4' PED B 4 5.16 -23.85 8.43
O4' PED B 4 5.84 -24.93 7.79
C3' PED B 4 5.63 -22.52 7.81
C1' PED B 4 5.86 -21.25 5.60
O3' PED B 4 7.02 -22.45 8.08
H2'1 PED B 4 4.37 -22.54 6.16
H2'2 PED B 4 5.74 -23.28 5.88
H5'1 PED B 4 3.46 -24.05 7.29
H5'2 PED B 4 3.21 -23.25 8.63
H4'1 PED B 4 5.37 -23.85 9.37
HO'4 PED B 4 5.77 -24.92 6.94
H3' PED B 4 5.16 -21.75 8.17
H1'2 PED B 4 6.80 -21.19 5.34
N ALA C 1 -1.74 21.31 -5.44
CA ALA C 1 -0.86 20.15 -5.34
C ALA C 1 -1.54 18.87 -5.80
N GLY C 2 -1.03 18.35 -6.91
CA GLY C 2 -1.55 17.16 -7.51
C GLY C 2 -0.51 16.10 -7.75
N ARG C 3 0.63 16.16 -7.07
CA ARG C 3 1.67 15.15 -7.20
C ARG C 3 2.71 15.41 -6.10
N PHE C 4 3.18 14.35 -5.49
CA PHE C 4 4.27 14.52 -4.53
C PHE C 4 5.09 13.24 -4.43
N ALA C 5 6.10 13.29 -3.55
CA ALA C 5 6.97 12.15 -3.30
C ALA C 5 6.83 11.72 -1.85
N GLN C 6 6.74 10.40 -1.64
CA GLN C 6 6.64 9.76 -0.31
C GLN C 6 7.53 8.52 -0.40
N SER C 7 8.85 8.72 -0.20
CA SER C 7 9.83 7.71 -0.51
C SER C 7 10.48 7.02 0.68
N GLN C 8 10.43 7.60 1.88
CA GLN C 8 11.18 7.05 2.99
C GLN C 8 10.33 6.08 3.78
N THR C 9 10.88 5.57 4.87
CA THR C 9 10.14 4.63 5.70
C THR C 9 9.13 5.40 6.52
N ARG C 10 8.11 4.71 7.00
CA ARG C 10 7.08 5.42 7.73
C ARG C 10 7.66 5.90 9.05
N GLU C 11 8.64 5.17 9.60
CA GLU C 11 9.27 5.64 10.83
C GLU C 11 10.08 6.91 10.60
N ASP C 12 10.70 7.06 9.43
CA ASP C 12 11.45 8.28 9.11
C ASP C 12 10.56 9.52 9.21
N TYR C 13 9.27 9.41 8.85
CA TYR C 13 8.34 10.53 8.92
C TYR C 13 7.78 10.70 10.32
N LEU C 14 7.38 9.59 10.95
CA LEU C 14 6.73 9.67 12.26
C LEU C 14 7.66 10.24 13.32
N ALA C 15 8.96 9.96 13.19
CA ALA C 15 9.88 10.39 14.22
C ALA C 15 9.96 11.91 14.36
N LEU C 16 9.48 12.68 13.36
CA LEU C 16 9.53 14.13 13.49
C LEU C 16 8.33 14.68 14.26
N LEU C 17 7.26 13.90 14.36
CA LEU C 17 6.14 14.28 15.23
C LEU C 17 6.39 13.90 16.68
N ALA C 18 7.25 12.92 16.92
CA ALA C 18 7.57 12.43 18.27
C ALA C 18 6.29 12.22 19.08
N GLU C 22 5.21 6.98 17.01
CA GLU C 22 6.20 6.28 16.19
C GLU C 22 6.10 4.79 16.42
N ARG C 23 6.08 4.37 17.68
CA ARG C 23 5.81 2.96 17.92
C ARG C 23 4.33 2.63 18.06
N ASP C 24 3.45 3.61 17.89
CA ASP C 24 2.02 3.26 17.91
C ASP C 24 1.53 2.67 16.60
N ILE C 25 2.37 2.67 15.58
CA ILE C 25 2.02 2.14 14.26
C ILE C 25 2.82 0.84 14.09
N PRO C 26 2.24 -0.24 13.58
CA PRO C 26 3.01 -1.49 13.49
C PRO C 26 4.27 -1.35 12.65
N TYR C 27 5.23 -2.22 12.95
CA TYR C 27 6.55 -2.14 12.34
C TYR C 27 6.50 -2.55 10.86
N ASP C 28 6.92 -1.64 10.00
CA ASP C 28 7.08 -1.97 8.57
C ASP C 28 8.24 -1.12 8.07
N PRO C 29 9.43 -1.71 7.98
CA PRO C 29 10.63 -0.93 7.63
C PRO C 29 10.87 -0.78 6.14
N GLU C 30 9.92 -1.14 5.30
CA GLU C 30 10.13 -0.96 3.86
C GLU C 30 10.01 0.51 3.51
N PRO C 31 10.98 1.09 2.81
CA PRO C 31 10.79 2.45 2.33
C PRO C 31 9.55 2.48 1.46
N ILE C 32 8.76 3.53 1.63
CA ILE C 32 7.51 3.60 0.89
C ILE C 32 7.81 3.66 -0.61
N GLY C 33 8.90 4.34 -0.97
CA GLY C 33 9.47 4.23 -2.29
C GLY C 33 8.72 4.91 -3.42
N ARG C 34 7.80 5.83 -3.13
CA ARG C 34 7.00 6.46 -4.17
C ARG C 34 7.51 7.85 -4.46
N TYR C 35 8.05 8.04 -5.65
CA TYR C 35 8.50 9.35 -6.06
C TYR C 35 7.51 10.08 -6.94
N ASN C 36 6.38 9.46 -7.27
CA ASN C 36 5.43 10.03 -8.22
C ASN C 36 4.01 9.68 -7.73
N VAL C 37 3.64 10.26 -6.59
CA VAL C 37 2.39 9.92 -5.93
C VAL C 37 1.28 10.72 -6.58
N ALA C 38 0.27 10.02 -7.13
CA ALA C 38 -0.72 10.61 -8.00
C ALA C 38 -2.13 10.44 -7.44
N PRO C 39 -3.01 11.41 -7.68
CA PRO C 39 -4.40 11.27 -7.24
C PRO C 39 -5.01 10.05 -7.91
N GLY C 40 -6.04 9.49 -7.28
CA GLY C 40 -6.67 8.28 -7.76
C GLY C 40 -6.00 7.01 -7.32
N THR C 41 -4.90 7.09 -6.57
CA THR C 41 -4.30 5.92 -5.97
C THR C 41 -4.53 5.99 -4.46
N LYS C 42 -4.34 4.86 -3.80
CA LYS C 42 -4.25 4.84 -2.33
C LYS C 42 -2.91 5.38 -1.87
N VAL C 43 -2.97 6.17 -0.80
CA VAL C 43 -1.82 6.85 -0.23
C VAL C 43 -1.87 6.66 1.28
N LEU C 44 -0.73 6.34 1.87
CA LEU C 44 -0.68 6.20 3.32
C LEU C 44 -0.97 7.55 3.94
N LEU C 45 -1.97 7.55 4.81
CA LEU C 45 -2.54 8.75 5.42
C LEU C 45 -2.59 8.56 6.91
N LEU C 46 -2.15 9.57 7.66
CA LEU C 46 -2.05 9.51 9.11
C LEU C 46 -3.24 10.21 9.76
N SER C 47 -3.80 9.56 10.78
CA SER C 47 -5.01 10.06 11.43
C SER C 47 -5.07 9.51 12.85
N GLU C 48 -5.98 10.08 13.63
CA GLU C 48 -6.15 9.71 15.03
C GLU C 48 -7.55 9.15 15.24
N ARG C 49 -7.63 7.97 15.85
CA ARG C 49 -8.89 7.43 16.34
C ARG C 49 -8.60 6.57 17.58
N ASP C 50 -9.57 6.52 18.50
CA ASP C 50 -9.38 5.83 19.77
C ASP C 50 -8.14 6.35 20.50
N GLU C 51 -7.86 7.65 20.38
CA GLU C 51 -6.74 8.30 21.07
C GLU C 51 -5.39 7.72 20.62
N HIS C 52 -5.32 7.22 19.40
CA HIS C 52 -4.15 6.47 18.94
C HIS C 52 -3.89 6.87 17.49
N LEU C 53 -2.62 7.06 17.11
CA LEU C 53 -2.34 7.34 15.70
C LEU C 53 -2.43 6.08 14.85
N HIS C 54 -2.92 6.25 13.61
CA HIS C 54 -3.09 5.18 12.65
C HIS C 54 -2.58 5.63 11.31
N LEU C 55 -2.02 4.71 10.54
CA LEU C 55 -1.57 4.99 9.18
C LEU C 55 -2.32 4.04 8.23
N ASP C 56 -3.23 4.59 7.41
CA ASP C 56 -4.07 3.74 6.55
C ASP C 56 -3.82 4.06 5.08
N PRO C 57 -3.92 3.10 4.17
CA PRO C 57 -3.89 3.48 2.74
C PRO C 57 -5.27 4.00 2.35
N VAL C 58 -5.33 5.26 1.93
CA VAL C 58 -6.60 5.93 1.66
C VAL C 58 -6.55 6.52 0.25
N PHE C 59 -7.65 6.34 -0.49
CA PHE C 59 -7.79 6.91 -1.81
C PHE C 59 -7.60 8.41 -1.78
N TRP C 60 -6.77 8.92 -2.67
CA TRP C 60 -6.59 10.36 -2.83
C TRP C 60 -7.62 10.80 -3.85
N GLY C 61 -8.69 11.39 -3.37
CA GLY C 61 -9.81 11.76 -4.22
C GLY C 61 -11.06 11.72 -3.36
N TYR C 62 -12.04 12.55 -3.72
CA TYR C 62 -13.28 12.61 -2.96
C TYR C 62 -14.46 12.78 -3.92
N ALA C 63 -15.30 11.75 -4.03
CA ALA C 63 -16.47 11.77 -4.91
C ALA C 63 -17.61 11.01 -4.24
N PRO C 64 -18.38 11.68 -3.37
CA PRO C 64 -19.58 11.07 -2.81
C PRO C 64 -20.54 10.67 -3.91
N GLY C 65 -21.47 9.78 -3.54
CA GLY C 65 -22.43 9.29 -4.51
C GLY C 65 -23.20 10.40 -5.18
N TRP C 66 -23.51 11.46 -4.43
CA TRP C 66 -24.28 12.56 -4.98
C TRP C 66 -23.46 13.49 -5.86
N TRP C 67 -22.14 13.30 -5.87
CA TRP C 67 -21.22 14.15 -6.62
C TRP C 67 -21.17 13.64 -8.06
N ASP C 68 -21.47 14.52 -9.00
CA ASP C 68 -21.72 14.10 -10.38
C ASP C 68 -20.51 14.31 -11.28
N LYS C 69 -19.35 14.67 -10.72
CA LYS C 69 -18.18 15.08 -11.47
C LYS C 69 -16.94 14.29 -11.07
N PRO C 70 -15.82 14.48 -11.77
CA PRO C 70 -14.59 13.77 -11.36
C PRO C 70 -14.27 14.03 -9.89
N PRO C 71 -13.59 13.09 -9.23
CA PRO C 71 -13.23 13.31 -7.83
C PRO C 71 -12.41 14.58 -7.62
N LEU C 72 -12.79 15.33 -6.58
CA LEU C 72 -11.97 16.44 -6.08
C LEU C 72 -10.69 15.89 -5.44
N ILE C 73 -9.59 16.64 -5.57
CA ILE C 73 -8.32 16.25 -4.96
C ILE C 73 -7.78 17.27 -3.96
N ASN C 74 -8.27 18.50 -4.03
CA ASN C 74 -7.88 19.61 -3.16
C ASN C 74 -9.11 20.28 -2.58
N ALA C 75 -8.92 20.95 -1.44
CA ALA C 75 -9.93 21.79 -0.81
C ALA C 75 -9.25 23.10 -0.38
N ARG C 76 -9.88 24.23 -0.69
CA ARG C 76 -9.31 25.55 -0.41
C ARG C 76 -9.46 25.90 1.08
N VAL C 77 -8.35 26.22 1.75
CA VAL C 77 -8.41 26.58 3.17
C VAL C 77 -9.33 27.78 3.41
N GLU C 78 -9.43 28.67 2.43
CA GLU C 78 -10.24 29.87 2.57
C GLU C 78 -11.68 29.54 2.93
N THR C 79 -12.21 28.43 2.40
CA THR C 79 -13.64 28.13 2.51
C THR C 79 -13.95 26.72 2.99
N ALA C 80 -12.98 25.85 3.17
CA ALA C 80 -13.30 24.46 3.41
C ALA C 80 -14.10 24.29 4.69
N ALA C 81 -13.77 25.07 5.73
CA ALA C 81 -14.46 24.92 7.01
C ALA C 81 -15.95 25.23 6.94
N THR C 82 -16.37 26.10 6.03
CA THR C 82 -17.76 26.50 5.92
C THR C 82 -18.42 25.96 4.68
N SER C 83 -17.69 25.27 3.81
CA SER C 83 -18.27 24.71 2.60
C SER C 83 -19.33 23.67 2.93
N ARG C 84 -20.42 23.66 2.17
CA ARG C 84 -21.42 22.64 2.46
C ARG C 84 -20.81 21.25 2.29
N MET C 85 -19.92 21.09 1.31
CA MET C 85 -19.34 19.77 1.04
C MET C 85 -18.29 19.38 2.06
N PHE C 86 -17.44 20.33 2.46
CA PHE C 86 -16.24 20.02 3.20
C PHE C 86 -16.35 20.25 4.69
N LYS C 87 -17.35 21.01 5.15
CA LYS C 87 -17.49 21.24 6.59
C LYS C 87 -17.46 19.96 7.41
N PRO C 88 -18.17 18.90 7.04
CA PRO C 88 -18.10 17.65 7.83
C PRO C 88 -16.73 17.03 7.87
N LEU C 89 -16.00 17.09 6.76
CA LEU C 89 -14.63 16.58 6.70
C LEU C 89 -13.68 17.43 7.52
N TRP C 90 -13.81 18.76 7.44
CA TRP C 90 -13.05 19.65 8.30
C TRP C 90 -13.33 19.38 9.79
N GLN C 91 -14.57 19.04 10.14
CA GLN C 91 -14.92 18.78 11.54
C GLN C 91 -14.41 17.42 12.01
N HIS C 92 -14.65 16.37 11.23
CA HIS C 92 -14.49 14.99 11.69
C HIS C 92 -13.44 14.19 10.94
N GLY C 93 -13.00 14.65 9.77
CA GLY C 93 -12.12 13.85 8.94
C GLY C 93 -10.75 14.43 8.74
N ARG C 94 -10.18 15.11 9.73
CA ARG C 94 -8.89 15.73 9.49
C ARG C 94 -7.82 14.67 9.58
N ALA C 95 -6.75 14.86 8.81
CA ALA C 95 -5.66 13.90 8.68
C ALA C 95 -4.42 14.60 8.15
N ILE C 96 -3.33 13.86 8.15
CA ILE C 96 -2.03 14.35 7.69
C ILE C 96 -1.51 13.42 6.61
N CYS C 97 -0.99 14.01 5.54
CA CYS C 97 -0.31 13.28 4.49
C CYS C 97 1.15 13.72 4.48
N PHE C 98 2.06 12.81 4.79
CA PHE C 98 3.45 13.23 4.82
C PHE C 98 4.13 12.95 3.49
N ALA C 99 5.23 13.66 3.24
CA ALA C 99 5.86 13.62 1.94
C ALA C 99 7.26 14.17 2.08
N ASP C 100 8.08 13.91 1.06
CA ASP C 100 9.42 14.46 1.03
C ASP C 100 9.45 15.88 0.46
N GLY C 101 8.39 16.21 -0.24
CA GLY C 101 8.22 17.42 -1.01
C GLY C 101 7.14 17.14 -2.03
N TRP C 102 6.80 18.17 -2.80
CA TRP C 102 5.74 18.05 -3.79
C TRP C 102 6.16 18.67 -5.11
N PHE C 103 5.43 18.33 -6.17
CA PHE C 103 5.69 18.87 -7.51
C PHE C 103 4.66 19.94 -7.84
N GLU C 104 5.12 20.99 -8.53
CA GLU C 104 4.29 21.99 -9.15
C GLU C 104 4.81 22.23 -10.57
N TRP C 105 3.92 22.57 -11.48
CA TRP C 105 4.26 22.79 -12.89
C TRP C 105 4.05 24.26 -13.20
N LYS C 106 5.08 24.89 -13.76
CA LYS C 106 4.97 26.26 -14.24
C LYS C 106 4.54 26.26 -15.70
N LYS C 107 3.61 27.15 -16.04
CA LYS C 107 3.00 27.20 -17.38
C LYS C 107 3.65 28.31 -18.20
N GLU C 108 4.11 27.97 -19.41
CA GLU C 108 4.55 28.95 -20.41
C GLU C 108 4.08 28.48 -21.78
N GLY C 109 3.30 29.32 -22.43
CA GLY C 109 2.76 28.95 -23.73
C GLY C 109 1.94 27.71 -23.62
N ASP C 110 2.16 26.77 -24.54
CA ASP C 110 1.48 25.49 -24.45
C ASP C 110 2.32 24.42 -23.73
N LYS C 111 3.27 24.82 -22.89
CA LYS C 111 4.18 23.86 -22.25
C LYS C 111 4.26 24.10 -20.75
N LYS C 112 4.65 23.05 -20.04
CA LYS C 112 4.75 23.08 -18.59
C LYS C 112 6.11 22.56 -18.13
N GLN C 113 6.67 23.20 -17.12
CA GLN C 113 7.94 22.74 -16.53
C GLN C 113 7.71 22.35 -15.07
N PRO C 114 8.00 21.09 -14.68
CA PRO C 114 7.85 20.69 -13.27
C PRO C 114 9.02 21.17 -12.43
N PHE C 115 8.69 21.49 -11.18
CA PHE C 115 9.64 21.80 -10.12
C PHE C 115 9.33 20.89 -8.94
N PHE C 116 10.37 20.52 -8.19
CA PHE C 116 10.19 19.78 -6.95
C PHE C 116 10.50 20.73 -5.80
N ILE C 117 9.56 20.82 -4.85
CA ILE C 117 9.58 21.79 -3.75
C ILE C 117 9.72 21.02 -2.44
N TYR C 118 10.70 21.41 -1.60
CA TYR C 118 11.02 20.67 -0.38
C TYR C 118 11.49 21.68 0.67
N ARG C 119 11.56 21.24 1.93
CA ARG C 119 12.01 22.14 2.99
C ARG C 119 13.52 22.35 2.89
N ALA C 120 13.96 23.60 3.00
CA ALA C 120 15.39 23.87 2.92
C ALA C 120 16.16 23.18 4.04
N ASP C 121 15.52 22.97 5.19
CA ASP C 121 16.18 22.39 6.35
C ASP C 121 16.19 20.87 6.33
N GLY C 122 15.77 20.26 5.22
CA GLY C 122 15.89 18.83 5.01
C GLY C 122 14.80 17.99 5.65
N GLN C 123 13.89 18.60 6.39
CA GLN C 123 12.82 17.85 7.02
C GLN C 123 11.79 17.46 5.95
N PRO C 124 11.06 16.37 6.17
CA PRO C 124 9.87 16.11 5.34
C PRO C 124 8.76 17.09 5.69
N ILE C 125 7.70 17.09 4.87
CA ILE C 125 6.55 17.95 5.08
C ILE C 125 5.35 17.14 5.56
N PHE C 126 4.49 17.80 6.36
CA PHE C 126 3.19 17.30 6.81
C PHE C 126 2.11 18.16 6.16
N MET C 127 1.43 17.59 5.18
CA MET C 127 0.37 18.30 4.47
C MET C 127 -0.96 18.07 5.17
N ALA C 128 -1.71 19.14 5.32
CA ALA C 128 -3.03 19.04 5.92
C ALA C 128 -3.99 18.38 4.94
N ALA C 129 -4.69 17.36 5.42
CA ALA C 129 -5.72 16.66 4.63
C ALA C 129 -7.05 16.67 5.35
N ILE C 130 -8.12 16.54 4.59
CA ILE C 130 -9.45 16.24 5.12
C ILE C 130 -10.02 15.11 4.29
N GLY C 131 -10.86 14.31 4.92
CA GLY C 131 -11.38 13.16 4.19
C GLY C 131 -12.55 12.52 4.88
N SER C 132 -12.98 11.42 4.28
CA SER C 132 -14.18 10.74 4.69
C SER C 132 -13.83 9.66 5.71
N THR C 133 -14.28 9.84 6.95
CA THR C 133 -14.03 8.82 7.95
C THR C 133 -15.22 7.84 8.02
N PRO C 134 -15.03 6.57 8.37
CA PRO C 134 -13.82 5.81 8.76
C PRO C 134 -12.77 5.61 7.66
N PHE C 135 -11.54 6.10 7.87
CA PHE C 135 -10.54 5.98 6.81
C PHE C 135 -10.16 4.53 6.52
N GLU C 136 -10.20 3.67 7.53
CA GLU C 136 -9.72 2.30 7.41
C GLU C 136 -10.59 1.44 6.51
N ARG C 137 -11.77 1.92 6.08
CA ARG C 137 -12.67 1.10 5.28
C ARG C 137 -12.22 0.95 3.83
N GLY C 138 -11.11 1.57 3.43
CA GLY C 138 -10.62 1.43 2.07
C GLY C 138 -11.60 1.85 0.99
N ASP C 139 -12.36 2.93 1.24
CA ASP C 139 -13.32 3.36 0.25
C ASP C 139 -12.58 3.61 -1.07
N GLU C 140 -13.23 3.33 -2.18
CA GLU C 140 -12.50 3.57 -3.43
C GLU C 140 -12.96 4.84 -4.15
N ALA C 141 -13.82 5.65 -3.53
CA ALA C 141 -14.13 6.97 -4.10
C ALA C 141 -14.26 8.09 -3.08
N GLU C 142 -14.45 7.81 -1.81
CA GLU C 142 -14.58 8.85 -0.80
C GLU C 142 -13.33 8.71 0.06
N GLY C 143 -12.28 9.43 -0.32
CA GLY C 143 -11.01 9.33 0.35
C GLY C 143 -10.62 10.60 1.07
N PHE C 144 -9.46 11.15 0.74
CA PHE C 144 -9.00 12.40 1.32
C PHE C 144 -8.69 13.41 0.22
N LEU C 145 -8.57 14.66 0.69
CA LEU C 145 -8.17 15.79 -0.12
C LEU C 145 -7.01 16.49 0.57
N ILE C 146 -6.12 17.07 -0.22
CA ILE C 146 -5.04 17.92 0.29
C ILE C 146 -5.55 19.36 0.34
N VAL C 147 -5.47 19.99 1.52
CA VAL C 147 -5.92 21.37 1.64
C VAL C 147 -4.90 22.29 0.98
N THR C 148 -5.40 23.28 0.25
CA THR C 148 -4.54 24.22 -0.44
C THR C 148 -4.66 25.63 0.15
N ALA C 149 -3.64 26.43 -0.14
CA ALA C 149 -3.61 27.82 0.29
C ALA C 149 -3.01 28.63 -0.86
N ALA C 150 -3.10 29.95 -0.74
CA ALA C 150 -2.60 30.83 -1.78
C ALA C 150 -1.08 30.74 -1.83
N ALA C 151 -0.52 30.62 -3.03
CA ALA C 151 0.93 30.67 -3.14
C ALA C 151 1.42 32.01 -2.60
N ASP C 152 2.55 31.94 -1.90
CA ASP C 152 3.17 33.08 -1.25
C ASP C 152 4.61 33.23 -1.73
N GLN C 153 5.14 34.43 -1.53
CA GLN C 153 6.47 34.79 -1.95
C GLN C 153 6.83 34.19 -3.30
N GLY C 154 7.98 33.52 -3.39
CA GLY C 154 8.46 33.10 -4.69
C GLY C 154 7.73 31.91 -5.29
N LEU C 155 6.89 31.22 -4.52
CA LEU C 155 6.11 30.14 -5.12
C LEU C 155 5.14 30.66 -6.16
N VAL C 156 4.77 31.94 -6.10
CA VAL C 156 3.82 32.51 -7.06
C VAL C 156 4.37 32.45 -8.47
N ASP C 157 5.69 32.36 -8.62
CA ASP C 157 6.24 32.31 -9.97
C ASP C 157 6.08 30.95 -10.62
N ILE C 158 5.78 29.93 -9.83
CA ILE C 158 5.51 28.59 -10.37
C ILE C 158 4.03 28.36 -10.58
N HIS C 159 3.21 28.70 -9.59
CA HIS C 159 1.80 28.33 -9.60
C HIS C 159 1.08 29.16 -8.55
N ASP C 160 -0.23 29.39 -8.76
CA ASP C 160 -0.93 30.33 -7.90
C ASP C 160 -1.43 29.73 -6.59
N ARG C 161 -1.44 28.41 -6.46
CA ARG C 161 -1.83 27.76 -5.22
C ARG C 161 -0.71 26.85 -4.74
N ARG C 162 -0.80 26.43 -3.49
CA ARG C 162 0.19 25.55 -2.89
C ARG C 162 -0.53 24.69 -1.87
N PRO C 163 0.06 23.56 -1.48
CA PRO C 163 -0.51 22.79 -0.36
C PRO C 163 -0.35 23.53 0.96
N LEU C 164 -1.30 23.32 1.86
CA LEU C 164 -1.16 23.78 3.25
C LEU C 164 -0.26 22.82 3.99
N VAL C 165 0.96 23.25 4.28
CA VAL C 165 1.94 22.44 4.98
C VAL C 165 1.97 22.91 6.43
N LEU C 166 1.86 21.97 7.36
CA LEU C 166 1.86 22.28 8.78
C LEU C 166 3.19 21.94 9.42
N SER C 167 3.61 22.77 10.39
CA SER C 167 4.73 22.38 11.20
C SER C 167 4.37 21.07 11.93
N PRO C 168 5.38 20.30 12.37
CA PRO C 168 5.08 19.03 13.07
C PRO C 168 4.23 19.23 14.30
N GLU C 169 4.51 20.30 15.06
CA GLU C 169 3.68 20.70 16.19
C GLU C 169 2.22 20.88 15.79
N ALA C 170 1.98 21.61 14.72
CA ALA C 170 0.61 21.85 14.29
C ALA C 170 -0.01 20.58 13.69
N ALA C 171 0.77 19.77 13.00
CA ALA C 171 0.22 18.54 12.43
C ALA C 171 -0.33 17.63 13.51
N ARG C 172 0.35 17.54 14.64
CA ARG C 172 -0.14 16.72 15.73
C ARG C 172 -1.45 17.28 16.29
N GLU C 173 -1.54 18.59 16.42
CA GLU C 173 -2.79 19.20 16.92
C GLU C 173 -3.93 19.03 15.92
N TRP C 174 -3.62 19.18 14.64
CA TRP C 174 -4.61 19.10 13.57
C TRP C 174 -5.34 17.77 13.62
N MET C 175 -4.62 16.72 13.98
CA MET C 175 -5.15 15.37 13.88
C MET C 175 -6.05 15.02 15.06
N ARG C 176 -5.98 15.77 16.16
CA ARG C 176 -6.65 15.36 17.38
C ARG C 176 -8.17 15.36 17.23
N GLN C 177 -8.82 14.26 17.64
CA GLN C 177 -10.28 14.20 17.54
C GLN C 177 -10.98 15.13 18.53
N GLU C 178 -10.33 15.40 19.67
CA GLU C 178 -10.87 16.35 20.66
C GLU C 178 -10.86 17.79 20.15
N ILE C 179 -10.24 18.07 19.02
CA ILE C 179 -10.17 19.43 18.47
C ILE C 179 -11.35 19.65 17.54
N SER C 180 -12.03 20.79 17.69
CA SER C 180 -13.20 21.12 16.87
C SER C 180 -12.80 21.71 15.53
N GLY C 181 -13.78 21.89 14.64
CA GLY C 181 -13.49 22.52 13.35
C GLY C 181 -13.05 23.97 13.50
N LYS C 182 -13.72 24.70 14.41
CA LYS C 182 -13.36 26.08 14.67
C LYS C 182 -11.94 26.18 15.21
N GLU C 183 -11.57 25.27 16.10
CA GLU C 183 -10.21 25.21 16.62
C GLU C 183 -9.22 24.75 15.56
N ALA C 184 -9.66 23.88 14.64
CA ALA C 184 -8.78 23.48 13.54
C ALA C 184 -8.49 24.63 12.60
N SER C 185 -9.44 25.55 12.44
CA SER C 185 -9.18 26.72 11.63
C SER C 185 -8.07 27.58 12.25
N GLU C 186 -7.97 27.60 13.58
CA GLU C 186 -6.89 28.34 14.20
C GLU C 186 -5.56 27.61 14.06
N ILE C 187 -5.59 26.28 14.03
CA ILE C 187 -4.38 25.50 13.86
C ILE C 187 -3.85 25.70 12.45
N ALA C 188 -4.77 25.68 11.48
CA ALA C 188 -4.38 25.89 10.08
C ALA C 188 -3.75 27.26 9.90
N ALA C 189 -4.34 28.28 10.55
CA ALA C 189 -3.85 29.63 10.41
C ALA C 189 -2.51 29.81 11.11
N SER C 190 -2.33 29.15 12.26
CA SER C 190 -1.17 29.31 13.12
C SER C 190 0.00 28.42 12.76
N GLY C 191 -0.27 27.27 12.14
CA GLY C 191 0.73 26.26 11.93
C GLY C 191 1.25 26.15 10.52
N CYS C 192 0.86 27.04 9.61
CA CYS C 192 1.22 26.92 8.22
C CYS C 192 2.66 27.34 8.02
N VAL C 193 3.37 26.63 7.15
CA VAL C 193 4.80 26.86 6.94
C VAL C 193 4.96 27.82 5.77
N PRO C 194 5.58 28.98 5.94
CA PRO C 194 5.65 29.94 4.85
C PRO C 194 6.69 29.55 3.80
N ALA C 195 6.56 30.18 2.63
CA ALA C 195 7.34 29.82 1.46
C ALA C 195 8.84 29.96 1.67
N ASN C 196 9.28 30.94 2.47
CA ASN C 196 10.72 31.14 2.67
C ASN C 196 11.38 29.92 3.31
N GLN C 197 10.60 28.99 3.88
CA GLN C 197 11.14 27.75 4.44
C GLN C 197 11.33 26.66 3.39
N PHE C 198 10.97 26.91 2.15
CA PHE C 198 11.11 25.92 1.08
C PHE C 198 12.21 26.31 0.09
N SER C 199 12.75 25.30 -0.56
CA SER C 199 13.59 25.49 -1.71
C SER C 199 12.97 24.72 -2.86
N TRP C 200 13.44 24.94 -4.07
CA TRP C 200 12.90 24.15 -5.17
C TRP C 200 13.86 24.18 -6.36
N HIS C 201 13.70 23.20 -7.22
CA HIS C 201 14.50 23.15 -8.44
C HIS C 201 13.67 22.51 -9.53
N PRO C 202 13.97 22.81 -10.78
CA PRO C 202 13.30 22.12 -11.88
C PRO C 202 13.73 20.68 -11.92
N VAL C 203 12.84 19.82 -12.39
CA VAL C 203 13.14 18.41 -12.53
C VAL C 203 12.78 18.01 -13.96
N SER C 204 13.09 16.77 -14.31
CA SER C 204 12.82 16.32 -15.67
C SER C 204 11.32 16.31 -15.96
N ARG C 205 10.96 16.54 -17.23
CA ARG C 205 9.55 16.44 -17.62
C ARG C 205 8.97 15.06 -17.39
N ALA C 206 9.81 14.05 -17.15
CA ALA C 206 9.32 12.69 -17.02
C ALA C 206 8.29 12.51 -15.89
N VAL C 207 8.40 13.26 -14.81
CA VAL C 207 7.44 13.05 -13.70
C VAL C 207 6.00 13.21 -14.15
N GLY C 208 5.76 13.98 -15.21
CA GLY C 208 4.36 14.32 -15.56
C GLY C 208 3.55 13.09 -15.88
N ASN C 209 4.18 12.11 -16.52
CA ASN C 209 3.64 10.80 -16.80
C ASN C 209 3.67 9.91 -15.57
N VAL C 210 2.49 9.57 -15.04
CA VAL C 210 2.44 8.72 -13.85
C VAL C 210 3.13 7.38 -14.02
N LYS C 211 3.35 6.93 -15.26
CA LYS C 211 4.09 5.70 -15.50
C LYS C 211 5.50 5.76 -14.93
N ASN C 212 6.12 6.94 -14.93
CA ASN C 212 7.54 7.04 -14.64
C ASN C 212 7.77 7.10 -13.14
N GLN C 213 8.89 6.49 -12.69
CA GLN C 213 9.18 6.26 -11.29
C GLN C 213 10.64 6.52 -10.99
N GLY C 214 10.98 6.47 -9.72
CA GLY C 214 12.36 6.41 -9.32
C GLY C 214 12.88 7.73 -8.78
N ALA C 215 13.97 7.65 -8.02
CA ALA C 215 14.55 8.82 -7.38
C ALA C 215 15.05 9.85 -8.38
N GLU C 216 15.25 9.47 -9.65
CA GLU C 216 15.63 10.44 -10.67
C GLU C 216 14.58 11.50 -10.85
N LEU C 217 13.32 11.20 -10.53
CA LEU C 217 12.23 12.12 -10.81
C LEU C 217 12.37 13.41 -10.00
N ILE C 218 13.00 13.35 -8.83
CA ILE C 218 13.16 14.57 -8.03
C ILE C 218 14.55 15.21 -8.20
N GLN C 219 15.45 14.63 -9.00
CA GLN C 219 16.78 15.22 -9.12
C GLN C 219 16.72 16.51 -9.91
N PRO C 220 17.55 17.50 -9.57
CA PRO C 220 17.57 18.74 -10.35
C PRO C 220 18.14 18.51 -11.73
N VAL C 221 17.69 19.33 -12.66
CA VAL C 221 18.24 19.31 -14.01
C VAL C 221 18.75 20.69 -14.31
N LEU C 222 19.74 20.74 -15.22
CA LEU C 222 20.40 22.00 -15.56
C LEU C 222 19.47 22.94 -16.31
N GLU C 223 18.95 22.50 -17.46
CA GLU C 223 18.24 23.36 -18.40
C GLU C 223 16.73 23.29 -18.13
N VAL C 224 16.10 24.46 -18.06
CA VAL C 224 14.64 24.55 -17.94
C VAL C 224 14.12 24.62 -19.38
N LEU C 225 13.74 23.46 -19.91
CA LEU C 225 13.36 23.34 -21.31
C LEU C 225 11.87 23.62 -21.49
P PED D 4 -7.63 25.29 -5.70
O1P PED D 4 -6.64 25.45 -4.48
O2P PED D 4 -8.35 26.58 -6.00
O5' PED D 4 -6.84 24.90 -7.02
C2' PED D 4 -3.16 22.69 -6.95
C5' PED D 4 -5.87 23.87 -6.97
C4' PED D 4 -4.99 23.89 -8.21
O4' PED D 4 -4.19 25.08 -8.18
C3' PED D 4 -4.07 22.68 -8.20
C1' PED D 4 -2.36 21.39 -6.84
O3' PED D 4 -3.34 22.72 -9.44
H2'1 PED D 4 -3.71 22.80 -6.16
H2'2 PED D 4 -2.55 23.45 -7.02
H5'1 PED D 4 -5.31 24.00 -6.19
H5'2 PED D 4 -6.31 23.01 -6.91
H4'1 PED D 4 -5.54 23.87 -9.02
HO'4 PED D 4 -4.32 25.55 -7.49
H3' PED D 4 -4.56 21.83 -8.13
H1'2 PED D 4 -1.61 21.24 -7.43
#